data_4E00
#
_entry.id   4E00
#
_cell.length_a   128.057
_cell.length_b   128.057
_cell.length_c   73.775
_cell.angle_alpha   90.00
_cell.angle_beta   90.00
_cell.angle_gamma   90.00
#
_symmetry.space_group_name_H-M   'P 42 21 2'
#
loop_
_entity.id
_entity.type
_entity.pdbx_description
1 polymer '[3-methyl-2-oxobutanoate dehydrogenase [lipoamide]] kinase, mitochondrial'
2 non-polymer "ADENOSINE-5'-DIPHOSPHATE"
3 non-polymer '3,6-dichloro-1-benzothiophene-2-carboxylic acid'
4 non-polymer 'POTASSIUM ION'
5 non-polymer 'MAGNESIUM ION'
6 water water
#
_entity_poly.entity_id   1
_entity_poly.type   'polypeptide(L)'
_entity_poly.pdbx_seq_one_letter_code
;MILTSVLGSGPRSGSSLWPLLGSSLSLRVRSTSATDTHHVELARERSKTVTSFYNQSAIDVVAEKPSVRLTPTMMLYSGR
SQDGSHLLKSGRYLQQELPVRIAHRIKGFRSLPFIIGCNPTILHVHELYIRAFQKLTDFPPIKDQADEAQYCQLVRQLLD
DHKDVVTLLAEGLRESRKHIEDEKLVRYFLDKTLTSRLGIRMLATHHLALHEDKPDFVGIICTRLSPKKIIEKWVDFARR
LCEHKYGNAPRVRINGHVAARFPFIPMPLDYILPELLKNAMRATMESHLDTPYNVPDVVITIANNDVDLIIRISDRGGGI
AHKDLDRVMDYHFTTAEASTQDPRISPLFGHLDMHSGGQSGPMHGFGFGLPTSRAYAEYLGGSLQLQSLQGIGTDVYLRL
RHIDGREESFRIHHHHHH
;
_entity_poly.pdbx_strand_id   A
#
loop_
_chem_comp.id
_chem_comp.type
_chem_comp.name
_chem_comp.formula
0F1 non-polymer '3,6-dichloro-1-benzothiophene-2-carboxylic acid' 'C9 H4 Cl2 O2 S'
ADP non-polymer ADENOSINE-5'-DIPHOSPHATE 'C10 H15 N5 O10 P2'
K non-polymer 'POTASSIUM ION' 'K 1'
MG non-polymer 'MAGNESIUM ION' 'Mg 2'
#
# COMPACT_ATOMS: atom_id res chain seq x y z
N ARG A 69 8.66 17.30 6.38
CA ARG A 69 7.52 16.46 6.01
C ARG A 69 7.63 15.09 6.66
N LEU A 70 6.54 14.62 7.25
CA LEU A 70 6.59 13.38 8.01
C LEU A 70 5.35 12.48 7.87
N THR A 71 5.50 11.26 8.36
CA THR A 71 4.42 10.28 8.40
C THR A 71 4.47 9.65 9.80
N PRO A 72 3.66 8.60 10.06
CA PRO A 72 3.62 8.10 11.44
C PRO A 72 4.95 7.55 11.97
N THR A 73 5.40 8.13 13.08
CA THR A 73 6.61 7.69 13.79
C THR A 73 7.87 7.67 12.92
N MET A 74 7.85 8.44 11.84
CA MET A 74 9.01 8.51 10.95
C MET A 74 8.97 9.76 10.09
N MET A 75 10.14 10.19 9.61
CA MET A 75 10.22 11.39 8.81
C MET A 75 10.90 11.13 7.46
N LEU A 76 10.39 11.80 6.42
CA LEU A 76 11.01 11.75 5.11
C LEU A 76 11.77 13.05 4.84
N TYR A 77 13.10 12.96 4.83
CA TYR A 77 13.96 14.13 4.73
C TYR A 77 13.95 14.78 3.36
N SER A 78 13.78 16.10 3.34
CA SER A 78 13.82 16.87 2.10
C SER A 78 15.09 17.72 1.99
N GLY A 79 16.25 17.10 2.21
CA GLY A 79 17.52 17.78 2.10
C GLY A 79 17.93 18.02 0.66
N ARG A 80 18.95 18.86 0.45
CA ARG A 80 19.38 19.22 -0.90
C ARG A 80 20.78 19.82 -0.94
N SER A 81 21.61 19.46 0.03
CA SER A 81 22.97 20.00 0.12
C SER A 81 23.84 19.69 -1.10
N GLN A 82 24.69 20.64 -1.48
CA GLN A 82 25.52 20.52 -2.67
C GLN A 82 26.60 19.44 -2.58
N ASP A 83 27.27 19.38 -1.44
CA ASP A 83 28.31 18.38 -1.22
C ASP A 83 27.73 16.96 -1.13
N GLY A 84 26.40 16.86 -1.11
CA GLY A 84 25.73 15.58 -1.01
C GLY A 84 25.74 15.04 0.41
N SER A 85 25.84 15.95 1.38
CA SER A 85 25.91 15.57 2.79
C SER A 85 24.56 15.09 3.32
N HIS A 86 23.49 15.48 2.63
CA HIS A 86 22.14 15.10 3.04
C HIS A 86 21.93 13.60 2.80
N LEU A 87 22.68 13.05 1.85
CA LEU A 87 22.63 11.61 1.61
C LEU A 87 23.23 10.83 2.77
N LEU A 88 24.28 11.39 3.38
CA LEU A 88 24.93 10.76 4.54
C LEU A 88 24.02 10.84 5.78
N LYS A 89 23.35 11.97 5.95
CA LYS A 89 22.42 12.17 7.05
C LYS A 89 21.24 11.20 6.91
N SER A 90 20.67 11.14 5.71
CA SER A 90 19.59 10.19 5.40
C SER A 90 20.01 8.74 5.69
N GLY A 91 21.15 8.33 5.15
CA GLY A 91 21.63 6.98 5.34
C GLY A 91 21.82 6.61 6.79
N ARG A 92 22.51 7.47 7.54
CA ARG A 92 22.70 7.25 8.97
C ARG A 92 21.35 7.13 9.68
N TYR A 93 20.37 7.92 9.25
CA TYR A 93 19.03 7.85 9.84
C TYR A 93 18.40 6.48 9.62
N LEU A 94 18.46 5.99 8.38
CA LEU A 94 17.95 4.67 8.06
C LEU A 94 18.61 3.59 8.94
N GLN A 95 19.90 3.72 9.14
CA GLN A 95 20.63 2.72 9.91
C GLN A 95 20.28 2.75 11.39
N GLN A 96 19.65 3.83 11.84
CA GLN A 96 19.25 3.94 13.23
C GLN A 96 17.75 3.74 13.38
N GLU A 97 17.06 3.58 12.25
CA GLU A 97 15.61 3.43 12.26
C GLU A 97 15.16 2.05 11.77
N LEU A 98 15.69 1.60 10.64
CA LEU A 98 15.25 0.33 10.07
C LEU A 98 15.50 -0.90 10.95
N PRO A 99 16.69 -1.01 11.55
CA PRO A 99 16.92 -2.22 12.35
C PRO A 99 15.92 -2.34 13.50
N VAL A 100 15.54 -1.22 14.10
CA VAL A 100 14.56 -1.23 15.17
C VAL A 100 13.22 -1.74 14.68
N ARG A 101 12.75 -1.20 13.55
CA ARG A 101 11.48 -1.63 13.00
C ARG A 101 11.47 -3.07 12.50
N ILE A 102 12.56 -3.53 11.92
CA ILE A 102 12.68 -4.94 11.59
C ILE A 102 12.61 -5.79 12.88
N ALA A 103 13.35 -5.38 13.91
CA ALA A 103 13.34 -6.12 15.18
C ALA A 103 11.92 -6.27 15.74
N HIS A 104 11.13 -5.20 15.66
CA HIS A 104 9.75 -5.24 16.13
C HIS A 104 8.93 -6.25 15.35
N ARG A 105 9.17 -6.34 14.05
CA ARG A 105 8.41 -7.28 13.25
C ARG A 105 8.84 -8.72 13.51
N ILE A 106 10.13 -8.93 13.74
CA ILE A 106 10.60 -10.25 14.12
C ILE A 106 9.90 -10.71 15.41
N LYS A 107 9.69 -9.79 16.34
CA LYS A 107 8.97 -10.12 17.58
C LYS A 107 7.55 -10.56 17.26
N GLY A 108 6.93 -9.86 16.31
CA GLY A 108 5.64 -10.24 15.76
C GLY A 108 5.61 -11.68 15.30
N PHE A 109 6.58 -12.08 14.48
CA PHE A 109 6.68 -13.47 14.04
C PHE A 109 6.88 -14.42 15.24
N ARG A 110 7.73 -14.04 16.18
CA ARG A 110 7.97 -14.88 17.36
C ARG A 110 6.73 -15.15 18.19
N SER A 111 5.78 -14.23 18.18
CA SER A 111 4.59 -14.33 19.02
C SER A 111 3.38 -14.87 18.27
N LEU A 112 3.54 -15.17 16.98
CA LEU A 112 2.49 -15.85 16.25
C LEU A 112 2.12 -17.16 16.95
N PRO A 113 0.83 -17.52 16.93
CA PRO A 113 0.42 -18.86 17.41
C PRO A 113 1.29 -19.93 16.80
N PHE A 114 1.77 -20.83 17.64
CA PHE A 114 2.74 -21.84 17.25
C PHE A 114 2.45 -22.51 15.92
N ILE A 115 1.19 -22.92 15.73
CA ILE A 115 0.82 -23.71 14.57
C ILE A 115 0.92 -22.89 13.26
N ILE A 116 0.68 -21.59 13.36
CA ILE A 116 0.86 -20.66 12.23
C ILE A 116 2.33 -20.37 11.99
N GLY A 117 3.05 -20.07 13.07
CA GLY A 117 4.48 -19.80 12.97
C GLY A 117 5.30 -20.96 12.43
N CYS A 118 4.75 -22.18 12.52
CA CYS A 118 5.41 -23.37 12.01
C CYS A 118 5.20 -23.59 10.52
N ASN A 119 4.23 -22.90 9.93
CA ASN A 119 3.99 -22.98 8.50
C ASN A 119 5.25 -22.61 7.72
N PRO A 120 5.69 -23.48 6.79
CA PRO A 120 6.93 -23.27 6.04
C PRO A 120 7.03 -21.91 5.37
N THR A 121 5.93 -21.40 4.85
CA THR A 121 5.97 -20.11 4.18
C THR A 121 6.10 -18.97 5.19
N ILE A 122 5.37 -19.06 6.30
CA ILE A 122 5.54 -18.08 7.36
C ILE A 122 6.99 -18.12 7.86
N LEU A 123 7.53 -19.33 8.05
CA LEU A 123 8.91 -19.46 8.50
C LEU A 123 9.88 -18.79 7.53
N HIS A 124 9.62 -18.94 6.24
CA HIS A 124 10.46 -18.31 5.24
C HIS A 124 10.46 -16.78 5.39
N VAL A 125 9.28 -16.19 5.56
CA VAL A 125 9.22 -14.73 5.71
C VAL A 125 9.95 -14.32 6.99
N HIS A 126 9.72 -15.08 8.06
CA HIS A 126 10.37 -14.88 9.36
C HIS A 126 11.89 -14.85 9.18
N GLU A 127 12.42 -15.91 8.57
CA GLU A 127 13.85 -15.98 8.24
C GLU A 127 14.35 -14.80 7.39
N LEU A 128 13.55 -14.41 6.39
CA LEU A 128 13.88 -13.27 5.56
C LEU A 128 14.04 -12.01 6.43
N TYR A 129 13.14 -11.83 7.39
CA TYR A 129 13.21 -10.66 8.29
C TYR A 129 14.45 -10.71 9.19
N ILE A 130 14.79 -11.89 9.68
CA ILE A 130 16.02 -12.08 10.45
C ILE A 130 17.24 -11.73 9.61
N ARG A 131 17.26 -12.22 8.37
CA ARG A 131 18.36 -11.92 7.46
C ARG A 131 18.51 -10.42 7.22
N ALA A 132 17.39 -9.73 7.05
CA ALA A 132 17.43 -8.30 6.80
C ALA A 132 18.02 -7.56 8.00
N PHE A 133 17.55 -7.91 9.18
CA PHE A 133 18.12 -7.35 10.41
C PHE A 133 19.62 -7.62 10.48
N GLN A 134 20.01 -8.86 10.19
CA GLN A 134 21.43 -9.22 10.26
C GLN A 134 22.30 -8.42 9.30
N LYS A 135 21.84 -8.28 8.05
CA LYS A 135 22.57 -7.52 7.06
C LYS A 135 22.70 -6.03 7.41
N LEU A 136 21.63 -5.43 7.89
CA LEU A 136 21.72 -4.01 8.24
C LEU A 136 22.65 -3.79 9.42
N THR A 137 22.56 -4.67 10.42
CA THR A 137 23.37 -4.49 11.61
C THR A 137 24.84 -4.82 11.33
N ASP A 138 25.09 -5.69 10.35
CA ASP A 138 26.45 -6.02 9.95
C ASP A 138 27.09 -4.94 9.09
N PHE A 139 26.29 -4.00 8.60
CA PHE A 139 26.82 -2.93 7.76
C PHE A 139 27.53 -1.89 8.61
N PRO A 140 28.78 -1.55 8.24
CA PRO A 140 29.60 -0.63 9.02
C PRO A 140 28.98 0.77 9.05
N PRO A 141 29.38 1.57 10.05
CA PRO A 141 28.92 2.96 10.17
C PRO A 141 29.13 3.69 8.84
N ILE A 142 28.17 4.50 8.44
CA ILE A 142 28.30 5.27 7.21
C ILE A 142 29.07 6.56 7.47
N LYS A 143 30.28 6.64 6.93
CA LYS A 143 31.13 7.81 7.15
C LYS A 143 31.38 8.67 5.91
N ASP A 144 31.28 8.06 4.73
CA ASP A 144 31.56 8.79 3.49
C ASP A 144 30.66 8.37 2.33
N GLN A 145 30.75 9.11 1.22
CA GLN A 145 29.91 8.84 0.05
C GLN A 145 30.13 7.44 -0.49
N ALA A 146 31.36 6.95 -0.38
CA ALA A 146 31.69 5.59 -0.79
C ALA A 146 30.89 4.55 0.00
N ASP A 147 30.80 4.73 1.32
CA ASP A 147 29.97 3.88 2.15
C ASP A 147 28.50 3.99 1.76
N GLU A 148 28.01 5.22 1.73
CA GLU A 148 26.61 5.49 1.41
C GLU A 148 26.21 4.77 0.12
N ALA A 149 27.08 4.81 -0.88
CA ALA A 149 26.79 4.17 -2.17
C ALA A 149 26.63 2.66 -2.05
N GLN A 150 27.49 2.02 -1.26
CA GLN A 150 27.35 0.58 -1.03
C GLN A 150 26.10 0.28 -0.20
N TYR A 151 25.84 1.11 0.80
CA TYR A 151 24.59 1.00 1.55
C TYR A 151 23.37 0.98 0.63
N CYS A 152 23.37 1.80 -0.42
CA CYS A 152 22.27 1.84 -1.38
C CYS A 152 22.10 0.53 -2.13
N GLN A 153 23.21 -0.17 -2.37
CA GLN A 153 23.16 -1.50 -2.99
C GLN A 153 22.43 -2.45 -2.05
N LEU A 154 22.77 -2.40 -0.77
CA LEU A 154 22.15 -3.27 0.21
C LEU A 154 20.64 -2.98 0.26
N VAL A 155 20.29 -1.71 0.36
CA VAL A 155 18.88 -1.31 0.41
C VAL A 155 18.10 -1.80 -0.82
N ARG A 156 18.68 -1.64 -2.02
CA ARG A 156 18.04 -2.12 -3.24
CA ARG A 156 18.04 -2.12 -3.25
C ARG A 156 17.82 -3.63 -3.20
N GLN A 157 18.87 -4.37 -2.82
CA GLN A 157 18.75 -5.82 -2.70
C GLN A 157 17.59 -6.20 -1.77
N LEU A 158 17.54 -5.60 -0.59
CA LEU A 158 16.50 -5.95 0.39
C LEU A 158 15.10 -5.63 -0.13
N LEU A 159 14.93 -4.43 -0.69
CA LEU A 159 13.66 -4.06 -1.30
C LEU A 159 13.22 -5.13 -2.29
N ASP A 160 14.14 -5.55 -3.15
CA ASP A 160 13.86 -6.62 -4.11
C ASP A 160 13.61 -7.98 -3.44
N ASP A 161 14.47 -8.38 -2.52
CA ASP A 161 14.31 -9.66 -1.81
C ASP A 161 12.95 -9.77 -1.14
N HIS A 162 12.42 -8.64 -0.69
CA HIS A 162 11.18 -8.61 0.09
C HIS A 162 9.93 -8.22 -0.70
N LYS A 163 10.01 -8.14 -2.02
CA LYS A 163 8.88 -7.59 -2.79
C LYS A 163 7.64 -8.48 -2.80
N ASP A 164 7.83 -9.79 -2.61
CA ASP A 164 6.72 -10.74 -2.61
C ASP A 164 6.18 -11.03 -1.20
N VAL A 165 6.63 -10.28 -0.21
CA VAL A 165 6.29 -10.62 1.18
C VAL A 165 4.79 -10.63 1.45
N VAL A 166 4.03 -9.68 0.90
CA VAL A 166 2.59 -9.67 1.18
C VAL A 166 1.94 -10.96 0.67
N THR A 167 2.39 -11.40 -0.50
CA THR A 167 1.86 -12.59 -1.14
C THR A 167 2.21 -13.84 -0.35
N LEU A 168 3.44 -13.89 0.14
CA LEU A 168 3.91 -15.02 0.92
C LEU A 168 3.10 -15.13 2.24
N LEU A 169 2.90 -14.02 2.93
CA LEU A 169 2.10 -14.03 4.15
C LEU A 169 0.67 -14.48 3.89
N ALA A 170 0.06 -13.98 2.81
CA ALA A 170 -1.30 -14.37 2.49
C ALA A 170 -1.39 -15.88 2.35
N GLU A 171 -0.50 -16.45 1.56
CA GLU A 171 -0.45 -17.89 1.33
C GLU A 171 -0.20 -18.67 2.62
N GLY A 172 0.77 -18.22 3.40
CA GLY A 172 1.17 -18.96 4.58
C GLY A 172 0.06 -18.96 5.61
N LEU A 173 -0.67 -17.85 5.67
CA LEU A 173 -1.68 -17.67 6.70
C LEU A 173 -3.00 -18.31 6.28
N ARG A 174 -3.18 -18.49 4.98
CA ARG A 174 -4.50 -18.82 4.45
C ARG A 174 -5.06 -20.04 5.17
N GLU A 175 -4.31 -21.13 5.13
CA GLU A 175 -4.71 -22.34 5.83
C GLU A 175 -4.51 -22.27 7.33
N SER A 176 -3.29 -21.91 7.74
CA SER A 176 -2.93 -21.96 9.15
C SER A 176 -3.85 -21.18 10.08
N ARG A 177 -4.50 -20.12 9.60
CA ARG A 177 -5.32 -19.29 10.48
C ARG A 177 -6.64 -19.95 10.89
N LYS A 178 -7.00 -21.00 10.17
CA LYS A 178 -8.27 -21.68 10.42
C LYS A 178 -8.18 -22.49 11.72
N HIS A 179 -6.96 -22.59 12.25
CA HIS A 179 -6.67 -23.44 13.39
C HIS A 179 -6.79 -22.76 14.76
N ILE A 180 -6.28 -21.53 14.86
CA ILE A 180 -6.13 -20.90 16.17
C ILE A 180 -7.42 -20.40 16.79
N GLU A 181 -7.36 -20.22 18.11
CA GLU A 181 -8.51 -19.86 18.94
C GLU A 181 -8.98 -18.42 18.71
N ASP A 182 -8.06 -17.47 18.89
CA ASP A 182 -8.37 -16.06 18.74
C ASP A 182 -8.49 -15.67 17.26
N GLU A 183 -9.64 -15.11 16.88
CA GLU A 183 -9.89 -14.80 15.47
C GLU A 183 -9.38 -13.41 15.04
N LYS A 184 -9.30 -12.47 15.97
CA LYS A 184 -8.77 -11.16 15.65
C LYS A 184 -7.24 -11.12 15.75
N LEU A 185 -6.63 -12.25 16.08
CA LEU A 185 -5.17 -12.28 16.24
C LEU A 185 -4.45 -12.07 14.90
N VAL A 186 -4.90 -12.78 13.86
CA VAL A 186 -4.30 -12.67 12.55
C VAL A 186 -4.51 -11.27 11.95
N ARG A 187 -5.74 -10.77 12.07
CA ARG A 187 -6.03 -9.42 11.63
C ARG A 187 -5.06 -8.40 12.22
N TYR A 188 -4.84 -8.49 13.52
CA TYR A 188 -3.91 -7.60 14.20
C TYR A 188 -2.49 -7.81 13.69
N PHE A 189 -2.04 -9.06 13.64
CA PHE A 189 -0.72 -9.36 13.08
C PHE A 189 -0.54 -8.79 11.67
N LEU A 190 -1.50 -9.03 10.79
CA LEU A 190 -1.36 -8.52 9.42
C LEU A 190 -1.44 -6.99 9.35
N ASP A 191 -2.40 -6.37 10.04
CA ASP A 191 -2.45 -4.91 10.05
C ASP A 191 -1.11 -4.33 10.47
N LYS A 192 -0.57 -4.85 11.58
CA LYS A 192 0.68 -4.30 12.11
C LYS A 192 1.87 -4.59 11.19
N THR A 193 1.92 -5.81 10.66
CA THR A 193 3.06 -6.21 9.84
C THR A 193 3.07 -5.49 8.48
N LEU A 194 1.91 -5.42 7.83
CA LEU A 194 1.85 -4.80 6.49
C LEU A 194 2.04 -3.28 6.53
N THR A 195 1.52 -2.61 7.55
CA THR A 195 1.74 -1.18 7.69
C THR A 195 3.19 -0.84 8.09
N SER A 196 3.78 -1.61 9.01
CA SER A 196 5.19 -1.38 9.36
C SER A 196 6.03 -1.61 8.11
N ARG A 197 5.68 -2.62 7.33
CA ARG A 197 6.40 -2.88 6.10
C ARG A 197 6.26 -1.72 5.10
N LEU A 198 5.05 -1.18 4.96
CA LEU A 198 4.88 -0.02 4.08
C LEU A 198 5.79 1.13 4.52
N GLY A 199 5.84 1.37 5.82
CA GLY A 199 6.68 2.41 6.37
C GLY A 199 8.13 2.15 6.05
N ILE A 200 8.55 0.91 6.22
CA ILE A 200 9.93 0.55 5.92
C ILE A 200 10.25 0.79 4.44
N ARG A 201 9.36 0.33 3.57
CA ARG A 201 9.60 0.48 2.14
C ARG A 201 9.59 1.96 1.72
N MET A 202 8.75 2.76 2.36
CA MET A 202 8.69 4.19 2.04
C MET A 202 10.02 4.87 2.41
N LEU A 203 10.49 4.59 3.62
CA LEU A 203 11.74 5.19 4.06
C LEU A 203 12.89 4.78 3.15
N ALA A 204 12.92 3.50 2.78
CA ALA A 204 14.04 2.97 2.01
C ALA A 204 14.03 3.53 0.59
N THR A 205 12.86 3.57 -0.02
CA THR A 205 12.69 4.10 -1.36
C THR A 205 12.98 5.60 -1.38
N HIS A 206 12.58 6.30 -0.33
CA HIS A 206 12.82 7.74 -0.24
C HIS A 206 14.32 7.99 -0.26
N HIS A 207 15.07 7.21 0.50
CA HIS A 207 16.51 7.38 0.56
C HIS A 207 17.16 7.19 -0.81
N LEU A 208 16.78 6.12 -1.50
CA LEU A 208 17.24 5.89 -2.87
C LEU A 208 16.88 7.05 -3.80
N ALA A 209 15.65 7.56 -3.67
CA ALA A 209 15.13 8.55 -4.59
C ALA A 209 15.80 9.90 -4.40
N LEU A 210 16.41 10.10 -3.24
CA LEU A 210 17.16 11.32 -2.98
C LEU A 210 18.33 11.51 -3.95
N HIS A 211 18.83 10.42 -4.53
CA HIS A 211 19.90 10.51 -5.53
C HIS A 211 19.35 11.00 -6.87
N GLU A 212 18.04 10.85 -7.09
CA GLU A 212 17.44 11.23 -8.36
C GLU A 212 17.27 12.74 -8.47
N ASP A 213 17.13 13.24 -9.69
CA ASP A 213 16.91 14.67 -9.86
C ASP A 213 15.70 14.91 -10.75
N LYS A 214 14.65 14.13 -10.53
CA LYS A 214 13.40 14.29 -11.25
C LYS A 214 12.73 15.59 -10.84
N PRO A 215 12.16 16.31 -11.81
CA PRO A 215 11.41 17.53 -11.48
C PRO A 215 10.15 17.21 -10.67
N ASP A 216 9.84 18.06 -9.70
CA ASP A 216 8.64 17.92 -8.89
C ASP A 216 8.73 16.87 -7.78
N PHE A 217 9.88 16.21 -7.65
CA PHE A 217 10.07 15.24 -6.56
C PHE A 217 11.22 15.62 -5.64
N VAL A 218 11.00 15.44 -4.35
CA VAL A 218 12.09 15.39 -3.39
C VAL A 218 12.02 13.98 -2.81
N GLY A 219 12.93 13.10 -3.23
CA GLY A 219 12.83 11.69 -2.88
C GLY A 219 11.53 11.11 -3.44
N ILE A 220 10.72 10.49 -2.59
CA ILE A 220 9.45 9.97 -3.08
C ILE A 220 8.31 10.97 -2.86
N ILE A 221 8.64 12.14 -2.32
CA ILE A 221 7.62 13.17 -2.13
C ILE A 221 7.43 13.97 -3.41
N CYS A 222 6.21 13.97 -3.94
CA CYS A 222 5.93 14.81 -5.10
C CYS A 222 5.49 16.19 -4.62
N THR A 223 6.12 17.23 -5.14
CA THR A 223 5.85 18.56 -4.64
C THR A 223 4.60 19.15 -5.25
N ARG A 224 4.11 18.56 -6.33
CA ARG A 224 2.88 19.03 -6.96
C ARG A 224 2.06 17.89 -7.57
N LEU A 225 1.66 16.95 -6.72
CA LEU A 225 0.88 15.81 -7.18
C LEU A 225 -0.50 16.24 -7.64
N SER A 226 -0.89 15.76 -8.82
CA SER A 226 -2.25 15.90 -9.32
C SER A 226 -3.00 14.61 -9.06
N PRO A 227 -4.01 14.65 -8.19
CA PRO A 227 -4.77 13.42 -7.94
C PRO A 227 -5.49 12.92 -9.19
N LYS A 228 -5.96 13.82 -10.04
CA LYS A 228 -6.61 13.40 -11.27
C LYS A 228 -5.64 12.55 -12.13
N LYS A 229 -4.40 13.00 -12.26
CA LYS A 229 -3.42 12.32 -13.11
C LYS A 229 -3.04 10.94 -12.57
N ILE A 230 -2.82 10.83 -11.26
CA ILE A 230 -2.47 9.53 -10.69
C ILE A 230 -3.68 8.59 -10.72
N ILE A 231 -4.86 9.14 -10.54
CA ILE A 231 -6.09 8.34 -10.70
C ILE A 231 -6.20 7.80 -12.13
N GLU A 232 -5.98 8.67 -13.12
CA GLU A 232 -6.01 8.30 -14.54
C GLU A 232 -5.00 7.21 -14.87
N LYS A 233 -3.83 7.30 -14.27
CA LYS A 233 -2.80 6.27 -14.47
C LYS A 233 -3.34 4.90 -14.05
N TRP A 234 -3.92 4.84 -12.87
CA TRP A 234 -4.40 3.55 -12.37
C TRP A 234 -5.70 3.10 -13.03
N VAL A 235 -6.48 4.07 -13.49
CA VAL A 235 -7.67 3.76 -14.29
C VAL A 235 -7.28 3.01 -15.56
N ASP A 236 -6.32 3.53 -16.31
CA ASP A 236 -5.82 2.85 -17.52
C ASP A 236 -5.35 1.43 -17.24
N PHE A 237 -4.53 1.28 -16.20
CA PHE A 237 -4.08 -0.03 -15.72
C PHE A 237 -5.23 -1.00 -15.40
N ALA A 238 -6.16 -0.56 -14.55
CA ALA A 238 -7.27 -1.43 -14.17
C ALA A 238 -8.19 -1.76 -15.35
N ARG A 239 -8.44 -0.77 -16.21
CA ARG A 239 -9.25 -0.96 -17.42
C ARG A 239 -8.65 -2.02 -18.33
N ARG A 240 -7.33 -2.06 -18.42
CA ARG A 240 -6.67 -3.07 -19.24
C ARG A 240 -6.81 -4.48 -18.65
N LEU A 241 -6.61 -4.63 -17.34
CA LEU A 241 -6.83 -5.92 -16.70
C LEU A 241 -8.26 -6.38 -16.88
N CYS A 242 -9.20 -5.45 -16.67
CA CYS A 242 -10.62 -5.75 -16.75
C CYS A 242 -11.00 -6.18 -18.17
N GLU A 243 -10.61 -5.37 -19.16
CA GLU A 243 -10.84 -5.68 -20.58
C GLU A 243 -10.31 -7.06 -20.97
N HIS A 244 -9.14 -7.43 -20.45
CA HIS A 244 -8.55 -8.72 -20.79
C HIS A 244 -9.41 -9.86 -20.24
N LYS A 245 -10.03 -9.62 -19.09
CA LYS A 245 -10.83 -10.66 -18.45
C LYS A 245 -12.27 -10.71 -18.97
N TYR A 246 -12.86 -9.56 -19.29
CA TYR A 246 -14.28 -9.53 -19.63
C TYR A 246 -14.58 -9.06 -21.04
N GLY A 247 -13.54 -8.65 -21.78
CA GLY A 247 -13.74 -8.17 -23.14
C GLY A 247 -14.21 -6.73 -23.20
N ASN A 248 -14.38 -6.10 -22.04
CA ASN A 248 -14.70 -4.67 -21.97
C ASN A 248 -14.44 -4.17 -20.54
N ALA A 249 -14.57 -2.86 -20.31
CA ALA A 249 -14.35 -2.31 -18.99
C ALA A 249 -15.20 -1.06 -18.82
N PRO A 250 -15.70 -0.80 -17.59
CA PRO A 250 -16.46 0.44 -17.47
C PRO A 250 -15.57 1.61 -17.79
N ARG A 251 -16.15 2.68 -18.34
CA ARG A 251 -15.43 3.94 -18.42
C ARG A 251 -15.43 4.58 -17.03
N VAL A 252 -14.45 5.43 -16.78
CA VAL A 252 -14.40 6.15 -15.54
C VAL A 252 -14.54 7.64 -15.79
N ARG A 253 -15.47 8.29 -15.09
CA ARG A 253 -15.52 9.74 -15.12
C ARG A 253 -14.95 10.27 -13.81
N ILE A 254 -14.22 11.37 -13.89
CA ILE A 254 -13.64 12.01 -12.73
C ILE A 254 -14.15 13.44 -12.58
N ASN A 255 -14.71 13.77 -11.42
CA ASN A 255 -15.22 15.12 -11.20
C ASN A 255 -14.79 15.69 -9.85
N GLY A 256 -15.32 16.85 -9.49
CA GLY A 256 -14.86 17.58 -8.32
C GLY A 256 -13.61 18.39 -8.57
N HIS A 257 -12.64 18.35 -7.65
CA HIS A 257 -11.47 19.24 -7.78
C HIS A 257 -10.42 18.66 -8.74
N VAL A 258 -10.78 18.60 -10.01
CA VAL A 258 -9.97 17.94 -11.02
C VAL A 258 -8.65 18.64 -11.27
N ALA A 259 -8.54 19.89 -10.87
CA ALA A 259 -7.30 20.62 -11.12
C ALA A 259 -6.43 20.79 -9.87
N ALA A 260 -6.80 20.12 -8.78
CA ALA A 260 -6.01 20.22 -7.57
C ALA A 260 -4.56 19.77 -7.80
N ARG A 261 -3.62 20.50 -7.24
CA ARG A 261 -2.24 20.03 -7.15
C ARG A 261 -1.66 20.41 -5.81
N PHE A 262 -0.91 19.50 -5.21
CA PHE A 262 -0.36 19.71 -3.89
C PHE A 262 0.74 18.70 -3.58
N PRO A 263 1.60 19.03 -2.62
CA PRO A 263 2.65 18.09 -2.19
C PRO A 263 2.05 16.83 -1.61
N PHE A 264 2.61 15.68 -1.96
CA PHE A 264 2.00 14.42 -1.57
C PHE A 264 2.90 13.25 -1.92
N ILE A 265 2.75 12.17 -1.18
CA ILE A 265 3.51 10.95 -1.43
C ILE A 265 2.65 9.96 -2.19
N PRO A 266 2.97 9.71 -3.47
CA PRO A 266 2.25 8.79 -4.35
C PRO A 266 2.18 7.35 -3.86
N MET A 267 3.26 6.82 -3.29
CA MET A 267 3.37 5.37 -3.04
C MET A 267 2.12 4.69 -2.48
N PRO A 268 1.54 5.23 -1.40
CA PRO A 268 0.32 4.58 -0.89
C PRO A 268 -0.82 4.58 -1.92
N LEU A 269 -0.96 5.67 -2.66
CA LEU A 269 -1.99 5.71 -3.69
C LEU A 269 -1.71 4.65 -4.76
N ASP A 270 -0.43 4.43 -5.06
CA ASP A 270 -0.05 3.42 -6.06
C ASP A 270 -0.49 2.01 -5.61
N TYR A 271 -0.62 1.78 -4.33
CA TYR A 271 -1.21 0.50 -3.94
C TYR A 271 -2.73 0.56 -3.87
N ILE A 272 -3.24 1.57 -3.16
CA ILE A 272 -4.67 1.60 -2.86
C ILE A 272 -5.52 1.74 -4.12
N LEU A 273 -5.17 2.69 -4.98
CA LEU A 273 -6.06 2.99 -6.11
C LEU A 273 -6.34 1.80 -7.02
N PRO A 274 -5.30 1.05 -7.43
CA PRO A 274 -5.61 -0.08 -8.33
C PRO A 274 -6.49 -1.11 -7.65
N GLU A 275 -6.30 -1.31 -6.34
CA GLU A 275 -7.15 -2.26 -5.62
C GLU A 275 -8.63 -1.85 -5.65
N LEU A 276 -8.92 -0.59 -5.36
CA LEU A 276 -10.30 -0.11 -5.33
C LEU A 276 -10.91 -0.09 -6.74
N LEU A 277 -10.11 0.27 -7.73
CA LEU A 277 -10.59 0.31 -9.12
C LEU A 277 -10.88 -1.10 -9.67
N LYS A 278 -10.01 -2.04 -9.38
CA LYS A 278 -10.26 -3.43 -9.76
C LYS A 278 -11.56 -3.92 -9.13
N ASN A 279 -11.75 -3.62 -7.84
CA ASN A 279 -12.98 -3.99 -7.17
C ASN A 279 -14.20 -3.46 -7.89
N ALA A 280 -14.18 -2.16 -8.18
CA ALA A 280 -15.35 -1.50 -8.77
C ALA A 280 -15.61 -2.03 -10.18
N MET A 281 -14.55 -2.29 -10.92
CA MET A 281 -14.72 -2.77 -12.29
C MET A 281 -15.21 -4.21 -12.30
N ARG A 282 -14.60 -5.07 -11.49
CA ARG A 282 -15.11 -6.45 -11.37
C ARG A 282 -16.60 -6.46 -11.04
N ALA A 283 -16.97 -5.68 -10.02
CA ALA A 283 -18.35 -5.65 -9.56
C ALA A 283 -19.28 -5.22 -10.70
N THR A 284 -18.84 -4.26 -11.50
CA THR A 284 -19.66 -3.75 -12.58
C THR A 284 -19.86 -4.80 -13.68
N MET A 285 -18.80 -5.48 -14.07
CA MET A 285 -18.91 -6.47 -15.15
C MET A 285 -19.73 -7.69 -14.69
N GLU A 286 -19.47 -8.15 -13.47
CA GLU A 286 -20.11 -9.35 -12.95
C GLU A 286 -21.60 -9.17 -12.79
N SER A 287 -22.05 -7.91 -12.70
CA SER A 287 -23.48 -7.62 -12.58
C SER A 287 -24.13 -7.23 -13.90
N HIS A 288 -23.34 -7.20 -14.97
CA HIS A 288 -23.86 -6.84 -16.29
C HIS A 288 -23.48 -7.87 -17.35
N LEU A 289 -23.57 -9.14 -16.99
CA LEU A 289 -23.13 -10.22 -17.87
C LEU A 289 -23.93 -10.28 -19.17
N ASP A 290 -25.14 -9.72 -19.15
CA ASP A 290 -25.96 -9.71 -20.36
C ASP A 290 -25.54 -8.62 -21.34
N THR A 291 -24.98 -7.52 -20.82
CA THR A 291 -24.63 -6.39 -21.67
C THR A 291 -23.20 -5.93 -21.43
N PRO A 292 -22.22 -6.81 -21.69
CA PRO A 292 -20.83 -6.47 -21.37
C PRO A 292 -20.36 -5.27 -22.19
N TYR A 293 -21.04 -5.02 -23.32
CA TYR A 293 -20.67 -3.96 -24.25
C TYR A 293 -21.25 -2.62 -23.84
N ASN A 294 -22.09 -2.65 -22.81
CA ASN A 294 -22.69 -1.42 -22.32
C ASN A 294 -22.92 -1.51 -20.82
N VAL A 295 -21.93 -1.10 -20.04
CA VAL A 295 -22.00 -1.14 -18.57
C VAL A 295 -21.93 0.28 -17.98
N PRO A 296 -22.54 0.49 -16.80
CA PRO A 296 -22.51 1.84 -16.22
C PRO A 296 -21.11 2.31 -15.84
N ASP A 297 -20.87 3.62 -15.97
CA ASP A 297 -19.55 4.19 -15.71
C ASP A 297 -19.21 4.03 -14.24
N VAL A 298 -17.92 4.05 -13.94
CA VAL A 298 -17.49 4.24 -12.58
C VAL A 298 -17.24 5.72 -12.44
N VAL A 299 -17.66 6.30 -11.33
CA VAL A 299 -17.55 7.74 -11.18
C VAL A 299 -16.69 8.07 -9.96
N ILE A 300 -15.64 8.86 -10.18
CA ILE A 300 -14.72 9.18 -9.12
C ILE A 300 -14.79 10.66 -8.80
N THR A 301 -14.96 10.99 -7.53
CA THR A 301 -15.02 12.39 -7.15
C THR A 301 -13.85 12.74 -6.25
N ILE A 302 -13.14 13.82 -6.60
CA ILE A 302 -12.01 14.33 -5.83
C ILE A 302 -12.43 15.53 -4.99
N ALA A 303 -12.23 15.46 -3.68
CA ALA A 303 -12.43 16.64 -2.85
C ALA A 303 -11.14 16.98 -2.11
N ASN A 304 -10.66 18.19 -2.34
CA ASN A 304 -9.39 18.65 -1.76
C ASN A 304 -9.65 19.85 -0.85
N ASN A 305 -9.37 19.69 0.45
CA ASN A 305 -9.53 20.80 1.40
C ASN A 305 -8.25 20.96 2.19
N ASP A 306 -8.24 21.84 3.16
CA ASP A 306 -7.00 22.12 3.91
C ASP A 306 -6.60 20.99 4.84
N VAL A 307 -7.54 20.12 5.16
CA VAL A 307 -7.25 19.02 6.07
C VAL A 307 -6.88 17.72 5.35
N ASP A 308 -7.72 17.28 4.42
CA ASP A 308 -7.45 16.00 3.79
C ASP A 308 -7.81 15.98 2.30
N LEU A 309 -7.48 14.88 1.65
CA LEU A 309 -7.84 14.63 0.28
C LEU A 309 -8.84 13.49 0.34
N ILE A 310 -9.99 13.64 -0.32
CA ILE A 310 -10.99 12.59 -0.32
C ILE A 310 -11.16 12.13 -1.74
N ILE A 311 -11.14 10.82 -1.96
CA ILE A 311 -11.38 10.27 -3.30
C ILE A 311 -12.52 9.30 -3.17
N ARG A 312 -13.68 9.64 -3.75
CA ARG A 312 -14.84 8.75 -3.66
C ARG A 312 -14.93 7.99 -4.94
N ILE A 313 -15.04 6.66 -4.83
CA ILE A 313 -15.13 5.81 -6.02
C ILE A 313 -16.47 5.10 -6.00
N SER A 314 -17.32 5.45 -6.95
CA SER A 314 -18.71 5.06 -6.90
C SER A 314 -19.06 4.19 -8.11
N ASP A 315 -19.62 3.01 -7.86
CA ASP A 315 -19.96 2.12 -8.96
C ASP A 315 -21.44 1.76 -8.93
N ARG A 316 -21.93 1.23 -10.05
CA ARG A 316 -23.28 0.69 -10.11
C ARG A 316 -23.18 -0.81 -10.29
N GLY A 317 -22.28 -1.44 -9.52
CA GLY A 317 -22.04 -2.86 -9.63
C GLY A 317 -22.91 -3.75 -8.76
N GLY A 318 -24.02 -3.23 -8.25
CA GLY A 318 -24.99 -4.03 -7.52
C GLY A 318 -24.82 -4.05 -6.00
N GLY A 319 -23.71 -3.53 -5.49
CA GLY A 319 -23.55 -3.42 -4.04
C GLY A 319 -22.86 -4.60 -3.38
N ILE A 320 -22.53 -4.44 -2.10
CA ILE A 320 -22.00 -5.54 -1.30
C ILE A 320 -23.13 -6.11 -0.47
N ALA A 321 -23.45 -7.39 -0.70
CA ALA A 321 -24.60 -8.01 -0.06
C ALA A 321 -24.52 -7.94 1.46
N HIS A 322 -25.69 -7.88 2.10
CA HIS A 322 -25.78 -7.84 3.56
C HIS A 322 -25.04 -9.00 4.24
N LYS A 323 -25.19 -10.20 3.68
CA LYS A 323 -24.52 -11.39 4.22
C LYS A 323 -22.98 -11.35 4.08
N ASP A 324 -22.47 -10.44 3.25
CA ASP A 324 -21.02 -10.37 3.00
C ASP A 324 -20.38 -9.19 3.70
N LEU A 325 -21.21 -8.25 4.13
CA LEU A 325 -20.73 -6.94 4.51
C LEU A 325 -19.74 -6.99 5.66
N ASP A 326 -19.99 -7.86 6.64
CA ASP A 326 -19.16 -7.94 7.83
C ASP A 326 -17.91 -8.77 7.61
N ARG A 327 -17.70 -9.24 6.38
CA ARG A 327 -16.56 -10.09 6.05
C ARG A 327 -15.59 -9.46 5.06
N VAL A 328 -16.06 -8.49 4.28
CA VAL A 328 -15.23 -7.93 3.21
C VAL A 328 -13.99 -7.21 3.72
N MET A 329 -13.94 -6.88 5.00
CA MET A 329 -12.73 -6.25 5.55
C MET A 329 -11.77 -7.26 6.23
N ASP A 330 -12.09 -8.54 6.18
CA ASP A 330 -11.22 -9.55 6.76
C ASP A 330 -10.19 -9.95 5.73
N TYR A 331 -8.94 -10.02 6.11
CA TYR A 331 -7.98 -10.63 5.21
C TYR A 331 -8.46 -12.02 4.78
N HIS A 332 -8.12 -12.40 3.55
CA HIS A 332 -8.46 -13.71 3.01
C HIS A 332 -9.91 -13.86 2.46
N PHE A 333 -10.86 -13.04 2.92
CA PHE A 333 -12.24 -13.23 2.45
C PHE A 333 -12.47 -12.77 1.00
N THR A 334 -13.15 -13.58 0.19
CA THR A 334 -13.34 -13.23 -1.20
C THR A 334 -14.56 -13.94 -1.79
N THR A 335 -15.27 -13.27 -2.68
CA THR A 335 -16.39 -13.90 -3.38
C THR A 335 -16.01 -14.38 -4.79
N ALA A 336 -14.71 -14.30 -5.09
CA ALA A 336 -14.22 -14.68 -6.42
C ALA A 336 -13.83 -16.16 -6.52
N GLY A 365 -6.35 -10.92 -5.83
CA GLY A 365 -7.29 -12.01 -5.96
C GLY A 365 -7.32 -12.92 -4.73
N PHE A 366 -6.44 -12.65 -3.78
CA PHE A 366 -6.39 -13.44 -2.57
C PHE A 366 -7.14 -12.79 -1.41
N GLY A 367 -7.99 -11.82 -1.72
CA GLY A 367 -8.85 -11.19 -0.74
C GLY A 367 -8.11 -10.27 0.20
N PHE A 368 -7.08 -9.59 -0.28
CA PHE A 368 -6.29 -8.72 0.58
C PHE A 368 -6.53 -7.25 0.25
N GLY A 369 -7.11 -6.96 -0.92
CA GLY A 369 -7.23 -5.59 -1.39
C GLY A 369 -7.84 -4.59 -0.43
N LEU A 370 -8.98 -4.96 0.15
CA LEU A 370 -9.71 -4.06 1.03
C LEU A 370 -9.09 -3.90 2.44
N PRO A 371 -8.77 -5.00 3.12
CA PRO A 371 -8.21 -4.83 4.46
C PRO A 371 -6.82 -4.19 4.40
N THR A 372 -6.05 -4.51 3.37
CA THR A 372 -4.74 -3.88 3.22
C THR A 372 -4.89 -2.38 2.96
N SER A 373 -5.75 -2.01 2.01
CA SER A 373 -5.98 -0.60 1.70
C SER A 373 -6.42 0.17 2.93
N ARG A 374 -7.34 -0.42 3.69
CA ARG A 374 -7.78 0.25 4.89
C ARG A 374 -6.64 0.39 5.90
N ALA A 375 -5.83 -0.65 6.05
CA ALA A 375 -4.75 -0.58 7.02
C ALA A 375 -3.75 0.51 6.62
N TYR A 376 -3.45 0.58 5.32
CA TYR A 376 -2.57 1.61 4.81
C TYR A 376 -3.16 3.00 5.05
N ALA A 377 -4.44 3.20 4.72
CA ALA A 377 -5.03 4.53 4.86
C ALA A 377 -4.95 4.96 6.31
N GLU A 378 -5.34 4.06 7.23
CA GLU A 378 -5.31 4.40 8.64
C GLU A 378 -3.90 4.63 9.16
N TYR A 379 -2.94 3.81 8.71
CA TYR A 379 -1.54 3.97 9.11
C TYR A 379 -1.11 5.41 8.82
N LEU A 380 -1.58 5.93 7.69
CA LEU A 380 -1.18 7.26 7.27
C LEU A 380 -2.07 8.38 7.82
N GLY A 381 -2.95 8.05 8.75
CA GLY A 381 -3.79 9.09 9.34
C GLY A 381 -5.10 9.34 8.60
N GLY A 382 -5.43 8.48 7.65
CA GLY A 382 -6.67 8.64 6.89
C GLY A 382 -7.64 7.53 7.20
N SER A 383 -8.46 7.14 6.22
CA SER A 383 -9.40 6.06 6.43
C SER A 383 -9.97 5.58 5.09
N LEU A 384 -10.64 4.45 5.15
CA LEU A 384 -11.28 3.86 3.99
C LEU A 384 -12.64 3.39 4.46
N GLN A 385 -13.69 3.97 3.89
CA GLN A 385 -15.06 3.65 4.32
C GLN A 385 -15.96 3.20 3.15
N LEU A 386 -16.83 2.24 3.40
CA LEU A 386 -17.67 1.70 2.34
C LEU A 386 -19.12 2.04 2.61
N GLN A 387 -19.86 2.40 1.57
CA GLN A 387 -21.31 2.53 1.68
C GLN A 387 -21.92 1.63 0.62
N SER A 388 -22.62 0.59 1.06
CA SER A 388 -23.23 -0.35 0.13
C SER A 388 -24.71 -0.01 -0.10
N LEU A 389 -25.07 0.18 -1.36
CA LEU A 389 -26.49 0.27 -1.72
C LEU A 389 -26.94 -1.03 -2.39
N GLN A 390 -27.32 -2.03 -1.60
CA GLN A 390 -27.61 -3.34 -2.14
C GLN A 390 -28.67 -3.29 -3.24
N GLY A 391 -28.36 -3.86 -4.40
CA GLY A 391 -29.25 -3.84 -5.55
C GLY A 391 -28.84 -2.75 -6.53
N ILE A 392 -27.95 -1.86 -6.12
CA ILE A 392 -27.58 -0.73 -6.97
C ILE A 392 -26.06 -0.62 -7.17
N GLY A 393 -25.34 -0.44 -6.09
CA GLY A 393 -23.91 -0.21 -6.19
C GLY A 393 -23.22 0.10 -4.87
N THR A 394 -21.96 0.54 -4.96
CA THR A 394 -21.16 0.80 -3.78
C THR A 394 -20.41 2.11 -3.95
N ASP A 395 -20.30 2.87 -2.86
CA ASP A 395 -19.44 4.06 -2.84
C ASP A 395 -18.29 3.77 -1.88
N VAL A 396 -17.06 3.94 -2.36
CA VAL A 396 -15.91 3.74 -1.49
C VAL A 396 -15.25 5.09 -1.31
N TYR A 397 -14.95 5.44 -0.06
CA TYR A 397 -14.39 6.75 0.24
C TYR A 397 -13.00 6.56 0.83
N LEU A 398 -12.00 7.03 0.12
CA LEU A 398 -10.63 7.03 0.60
C LEU A 398 -10.27 8.43 1.08
N ARG A 399 -9.83 8.55 2.32
CA ARG A 399 -9.39 9.84 2.85
C ARG A 399 -7.94 9.73 3.26
N LEU A 400 -7.11 10.67 2.82
CA LEU A 400 -5.72 10.71 3.23
C LEU A 400 -5.40 12.12 3.68
N ARG A 401 -4.73 12.25 4.83
CA ARG A 401 -4.38 13.54 5.38
C ARG A 401 -3.34 14.21 4.51
N HIS A 402 -3.42 15.54 4.41
CA HIS A 402 -2.42 16.30 3.69
C HIS A 402 -1.12 16.34 4.47
N ILE A 403 -0.04 16.70 3.77
CA ILE A 403 1.29 16.74 4.34
C ILE A 403 1.50 17.94 5.27
N ASP A 404 2.16 17.68 6.39
CA ASP A 404 2.47 18.72 7.36
C ASP A 404 3.89 19.26 7.20
PB ADP B . -10.83 -9.65 -3.61
O1B ADP B . -11.99 -10.62 -3.41
O2B ADP B . -11.20 -8.51 -4.54
O3B ADP B . -9.48 -10.28 -3.92
PA ADP B . -10.98 -7.54 -1.66
O1A ADP B . -10.55 -7.40 -0.24
O2A ADP B . -10.47 -6.47 -2.57
O3A ADP B . -10.56 -9.04 -2.14
O5' ADP B . -12.59 -7.63 -1.79
C5' ADP B . -13.30 -8.46 -0.88
C4' ADP B . -14.72 -8.72 -1.39
O4' ADP B . -15.52 -7.55 -1.19
C3' ADP B . -14.72 -8.96 -2.89
O3' ADP B . -14.50 -10.34 -3.23
C2' ADP B . -16.12 -8.53 -3.27
O2' ADP B . -17.04 -9.59 -2.99
C1' ADP B . -16.42 -7.42 -2.29
N9 ADP B . -16.24 -6.08 -2.91
C8 ADP B . -15.17 -5.25 -2.83
N7 ADP B . -15.43 -4.10 -3.53
C5 ADP B . -16.66 -4.20 -4.05
C6 ADP B . -17.56 -3.37 -4.88
N6 ADP B . -17.15 -2.16 -5.32
N1 ADP B . -18.78 -3.86 -5.19
C2 ADP B . -19.19 -5.07 -4.77
N3 ADP B . -18.45 -5.87 -4.01
C4 ADP B . -17.21 -5.50 -3.63
CL1 0F1 C . 16.72 -1.50 3.58
C2 0F1 C . 15.31 -2.56 3.88
C1 0F1 C . 15.27 -3.22 5.11
C6 0F1 C . 14.23 -4.06 5.42
C3 0F1 C . 14.32 -2.70 2.90
C4 0F1 C . 13.26 -3.54 3.19
C5 0F1 C . 13.24 -4.22 4.48
C8 0F1 C . 12.02 -5.04 4.56
CL2 0F1 C . 11.70 -6.01 6.06
S 0F1 C . 11.97 -3.89 2.25
C7 0F1 C . 11.19 -4.93 3.32
C9 0F1 C . 9.90 -5.65 3.14
O1 0F1 C . 9.22 -5.35 2.13
O2 0F1 C . 9.51 -6.51 3.97
K K D . -11.20 -9.19 2.03
MG MG E . -9.69 -6.80 -4.63
#